data_7TGT
#
_entry.id   7TGT
#
_cell.length_a   36.061
_cell.length_b   67.087
_cell.length_c   38.662
_cell.angle_alpha   90.000
_cell.angle_beta   101.218
_cell.angle_gamma   90.000
#
_symmetry.space_group_name_H-M   'P 1 21 1'
#
loop_
_entity.id
_entity.type
_entity.pdbx_description
1 polymer 'Peptidyl-prolyl cis-trans isomerase F, mitochondrial'
2 non-polymer (4S,7S,11R,13E,19S)-N-[2-(2-aminoethoxy)ethyl]-7-benzyl-4-[(furan-2-yl)methyl]-3,6,12,15,21-pentaoxo-1,3,4,5,6,7,8,9,10,12,15,16,17,18,19,20,21,22-octadecahydro-2H-7,11-methano-2,5,11,16,20-benzopentaazacyclotetracosine-19-carboxamide
3 water water
#
_entity_poly.entity_id   1
_entity_poly.type   'polypeptide(L)'
_entity_poly.pdbx_seq_one_letter_code
;ANPLVYLDVDANGKPLGRVVLELKADVVPKTAENFRALCTGEKGFGYKGSTFHRVIPSFMCQAGDFTNHNGTGGKSIYGS
RFPDENFTLKHVGPGVLSMANAGPNTNGSQFFICTIKTDWLDGKHVVFGHVIEGMDVVKKIESFGSKSGRTSKKIVITDC
GQLS
;
_entity_poly.pdbx_strand_id   X
#
# COMPACT_ATOMS: atom_id res chain seq x y z
N ALA A 1 -10.40 14.64 -11.29
CA ALA A 1 -10.95 13.44 -10.66
C ALA A 1 -9.85 12.65 -9.95
N ASN A 2 -10.24 11.86 -8.96
CA ASN A 2 -9.27 11.12 -8.18
C ASN A 2 -8.55 10.11 -9.06
N PRO A 3 -7.22 10.01 -8.97
CA PRO A 3 -6.52 9.03 -9.78
C PRO A 3 -6.88 7.61 -9.39
N LEU A 4 -6.85 6.73 -10.40
CA LEU A 4 -7.01 5.30 -10.23
C LEU A 4 -5.69 4.65 -10.58
N VAL A 5 -5.20 3.78 -9.71
CA VAL A 5 -3.97 3.05 -9.96
C VAL A 5 -4.22 1.57 -9.77
N TYR A 6 -3.32 0.76 -10.31
CA TYR A 6 -3.44 -0.68 -10.22
C TYR A 6 -2.16 -1.32 -9.72
N LEU A 7 -2.35 -2.45 -9.03
CA LEU A 7 -1.29 -3.37 -8.65
C LEU A 7 -1.64 -4.74 -9.20
N ASP A 8 -0.77 -5.31 -10.03
CA ASP A 8 -0.91 -6.69 -10.48
C ASP A 8 0.03 -7.51 -9.63
N VAL A 9 -0.50 -8.49 -8.90
CA VAL A 9 0.25 -9.14 -7.83
C VAL A 9 0.39 -10.63 -8.14
N ASP A 10 1.56 -11.21 -7.85
CA ASP A 10 1.79 -12.63 -8.02
C ASP A 10 2.28 -13.24 -6.72
N ALA A 11 2.15 -14.56 -6.62
CA ALA A 11 2.68 -15.32 -5.49
C ALA A 11 3.57 -16.42 -6.06
N ASN A 12 4.87 -16.37 -5.74
CA ASN A 12 5.85 -17.29 -6.30
C ASN A 12 5.71 -17.41 -7.82
N GLY A 13 5.46 -16.28 -8.46
CA GLY A 13 5.40 -16.22 -9.90
C GLY A 13 4.03 -16.48 -10.50
N LYS A 14 3.05 -16.89 -9.71
CA LYS A 14 1.72 -17.19 -10.22
C LYS A 14 0.83 -15.95 -10.05
N PRO A 15 0.26 -15.42 -11.13
CA PRO A 15 -0.58 -14.22 -10.98
C PRO A 15 -1.78 -14.47 -10.09
N LEU A 16 -2.04 -13.50 -9.21
CA LEU A 16 -3.23 -13.51 -8.36
C LEU A 16 -4.33 -12.62 -8.89
N GLY A 17 -4.01 -11.68 -9.78
CA GLY A 17 -4.96 -10.74 -10.32
C GLY A 17 -4.61 -9.31 -9.99
N ARG A 18 -5.56 -8.42 -10.29
CA ARG A 18 -5.38 -6.98 -10.25
C ARG A 18 -6.17 -6.34 -9.11
N VAL A 19 -5.52 -5.46 -8.38
CA VAL A 19 -6.16 -4.58 -7.41
C VAL A 19 -6.20 -3.18 -8.03
N VAL A 20 -7.36 -2.55 -8.03
CA VAL A 20 -7.50 -1.17 -8.44
C VAL A 20 -7.81 -0.32 -7.21
N LEU A 21 -7.06 0.77 -7.06
CA LEU A 21 -7.15 1.66 -5.92
C LEU A 21 -7.54 3.06 -6.39
N GLU A 22 -8.52 3.66 -5.72
CA GLU A 22 -8.82 5.07 -5.89
C GLU A 22 -8.03 5.86 -4.86
N LEU A 23 -7.28 6.85 -5.33
CA LEU A 23 -6.47 7.68 -4.46
C LEU A 23 -7.21 8.97 -4.17
N LYS A 24 -7.36 9.31 -2.90
CA LYS A 24 -8.20 10.43 -2.47
C LYS A 24 -7.41 11.75 -2.55
N ALA A 25 -7.06 12.12 -3.78
CA ALA A 25 -6.36 13.37 -4.01
C ALA A 25 -7.20 14.58 -3.60
N ASP A 26 -8.52 14.41 -3.55
CA ASP A 26 -9.44 15.44 -3.10
C ASP A 26 -9.29 15.77 -1.62
N VAL A 27 -8.62 14.92 -0.84
CA VAL A 27 -8.43 15.15 0.60
C VAL A 27 -6.96 15.14 0.99
N VAL A 28 -6.15 14.29 0.36
CA VAL A 28 -4.73 14.19 0.68
C VAL A 28 -3.94 14.21 -0.63
N PRO A 29 -3.89 15.38 -1.29
CA PRO A 29 -3.25 15.43 -2.61
C PRO A 29 -1.78 15.06 -2.61
N LYS A 30 -1.02 15.47 -1.60
CA LYS A 30 0.42 15.18 -1.65
C LYS A 30 0.69 13.70 -1.45
N THR A 31 -0.07 13.07 -0.55
CA THR A 31 0.10 11.65 -0.30
C THR A 31 -0.39 10.84 -1.48
N ALA A 32 -1.51 11.23 -2.06
CA ALA A 32 -2.00 10.55 -3.25
C ALA A 32 -1.00 10.63 -4.39
N GLU A 33 -0.41 11.81 -4.61
CA GLU A 33 0.51 11.99 -5.73
C GLU A 33 1.76 11.14 -5.54
N ASN A 34 2.29 11.06 -4.32
CA ASN A 34 3.42 10.19 -4.04
C ASN A 34 3.12 8.77 -4.48
N PHE A 35 1.98 8.23 -4.03
CA PHE A 35 1.66 6.85 -4.36
C PHE A 35 1.46 6.69 -5.85
N ARG A 36 0.74 7.62 -6.48
CA ARG A 36 0.52 7.53 -7.92
C ARG A 36 1.83 7.44 -8.68
N ALA A 37 2.77 8.34 -8.36
CA ALA A 37 4.05 8.36 -9.06
C ALA A 37 4.88 7.12 -8.76
N LEU A 38 4.78 6.56 -7.56
CA LEU A 38 5.50 5.33 -7.28
C LEU A 38 4.88 4.14 -8.01
N CYS A 39 3.58 4.21 -8.33
CA CYS A 39 2.97 3.20 -9.16
C CYS A 39 3.43 3.31 -10.61
N THR A 40 3.51 4.53 -11.15
CA THR A 40 3.93 4.66 -12.53
C THR A 40 5.43 4.46 -12.70
N GLY A 41 6.20 4.64 -11.63
CA GLY A 41 7.64 4.58 -11.72
C GLY A 41 8.30 5.77 -12.38
N GLU A 42 7.57 6.88 -12.52
CA GLU A 42 8.06 7.99 -13.33
C GLU A 42 9.29 8.69 -12.76
N LYS A 43 9.58 8.54 -11.46
CA LYS A 43 10.81 9.11 -10.92
C LYS A 43 12.01 8.18 -11.08
N GLY A 44 11.81 7.01 -11.67
CA GLY A 44 12.88 6.03 -11.84
C GLY A 44 12.93 4.96 -10.79
N PHE A 45 12.01 5.00 -9.83
CA PHE A 45 11.90 4.00 -8.78
C PHE A 45 10.43 3.93 -8.40
N GLY A 46 10.08 2.88 -7.67
CA GLY A 46 8.69 2.69 -7.31
C GLY A 46 8.40 1.23 -7.00
N TYR A 47 7.11 0.90 -7.05
CA TYR A 47 6.67 -0.37 -6.50
C TYR A 47 6.91 -1.57 -7.41
N LYS A 48 7.07 -1.38 -8.71
CA LYS A 48 7.16 -2.53 -9.59
C LYS A 48 8.32 -3.42 -9.19
N GLY A 49 8.03 -4.70 -9.01
CA GLY A 49 9.02 -5.68 -8.66
C GLY A 49 9.24 -5.88 -7.19
N SER A 50 8.67 -5.04 -6.34
CA SER A 50 8.85 -5.17 -4.91
C SER A 50 7.72 -6.02 -4.31
N THR A 51 7.75 -6.18 -2.99
CA THR A 51 6.97 -7.24 -2.35
C THR A 51 5.99 -6.70 -1.32
N PHE A 52 5.00 -7.54 -1.01
CA PHE A 52 4.24 -7.43 0.24
C PHE A 52 5.07 -8.18 1.27
N HIS A 53 5.78 -7.45 2.13
CA HIS A 53 6.75 -8.07 3.01
C HIS A 53 6.19 -8.43 4.38
N ARG A 54 5.05 -7.87 4.77
CA ARG A 54 4.47 -8.15 6.08
CA ARG A 54 4.47 -8.15 6.08
C ARG A 54 2.96 -8.26 5.87
N VAL A 55 2.42 -9.45 6.07
CA VAL A 55 1.02 -9.71 5.79
C VAL A 55 0.47 -10.44 7.00
N ILE A 56 -0.51 -9.83 7.66
CA ILE A 56 -1.04 -10.35 8.92
C ILE A 56 -2.54 -10.56 8.74
N PRO A 57 -3.01 -11.80 8.73
CA PRO A 57 -4.44 -12.05 8.56
C PRO A 57 -5.25 -11.35 9.64
N SER A 58 -6.42 -10.85 9.23
CA SER A 58 -7.31 -10.08 10.08
C SER A 58 -6.65 -8.82 10.59
N PHE A 59 -5.75 -8.25 9.78
CA PHE A 59 -5.16 -6.96 10.09
C PHE A 59 -4.93 -6.21 8.78
N MET A 60 -3.82 -6.47 8.10
CA MET A 60 -3.49 -5.72 6.90
C MET A 60 -2.39 -6.42 6.12
N CYS A 61 -2.23 -5.95 4.88
CA CYS A 61 -1.18 -6.40 3.97
C CYS A 61 -0.29 -5.20 3.67
N GLN A 62 1.01 -5.31 3.98
CA GLN A 62 1.93 -4.19 3.92
C GLN A 62 2.98 -4.40 2.83
N ALA A 63 3.28 -3.33 2.11
CA ALA A 63 4.18 -3.36 0.98
C ALA A 63 4.91 -2.03 0.86
N GLY A 64 5.64 -1.87 -0.23
CA GLY A 64 6.23 -0.59 -0.58
C GLY A 64 7.65 -0.37 -0.14
N ASP A 65 8.29 -1.35 0.52
CA ASP A 65 9.68 -1.18 0.90
C ASP A 65 10.54 -1.70 -0.24
N PHE A 66 10.69 -0.86 -1.27
CA PHE A 66 11.43 -1.27 -2.46
C PHE A 66 12.92 -1.08 -2.33
N THR A 67 13.41 -0.60 -1.20
CA THR A 67 14.86 -0.50 -1.00
C THR A 67 15.42 -1.63 -0.13
N ASN A 68 14.74 -2.00 0.97
CA ASN A 68 15.24 -3.02 1.88
C ASN A 68 14.33 -4.24 1.98
N HIS A 69 13.10 -4.18 1.48
CA HIS A 69 12.24 -5.35 1.36
C HIS A 69 11.89 -5.96 2.70
N ASN A 70 11.92 -5.19 3.78
CA ASN A 70 11.74 -5.79 5.09
C ASN A 70 11.04 -4.87 6.08
N GLY A 71 10.53 -3.73 5.66
CA GLY A 71 9.85 -2.83 6.56
C GLY A 71 10.69 -1.72 7.15
N THR A 72 11.98 -1.66 6.81
CA THR A 72 12.86 -0.62 7.30
C THR A 72 13.10 0.50 6.29
N GLY A 73 12.76 0.30 5.01
CA GLY A 73 13.19 1.19 3.96
C GLY A 73 12.08 1.87 3.17
N GLY A 74 12.39 2.18 1.92
CA GLY A 74 11.51 2.93 1.05
C GLY A 74 11.89 4.40 0.98
N LYS A 75 11.36 5.09 -0.02
CA LYS A 75 11.55 6.54 -0.12
C LYS A 75 10.40 7.13 -0.92
N SER A 76 10.06 8.35 -0.58
CA SER A 76 9.02 9.09 -1.27
C SER A 76 9.58 9.75 -2.53
N ILE A 77 8.69 10.41 -3.27
CA ILE A 77 9.09 11.22 -4.42
C ILE A 77 9.53 12.62 -4.02
N TYR A 78 9.49 12.94 -2.73
CA TYR A 78 9.77 14.28 -2.20
C TYR A 78 11.08 14.31 -1.43
N GLY A 79 12.00 13.43 -1.75
CA GLY A 79 13.08 13.10 -0.84
C GLY A 79 12.76 11.85 -0.04
N SER A 80 13.57 11.62 1.00
CA SER A 80 13.45 10.36 1.71
C SER A 80 12.07 10.19 2.34
N ARG A 81 11.64 11.16 3.16
CA ARG A 81 10.40 11.10 3.93
C ARG A 81 9.62 12.40 3.80
N PHE A 82 8.33 12.36 4.16
CA PHE A 82 7.50 13.55 4.15
C PHE A 82 6.51 13.52 5.28
N PRO A 83 6.03 14.68 5.72
CA PRO A 83 5.20 14.73 6.92
C PRO A 83 3.81 14.15 6.70
N ASP A 84 3.17 13.79 7.81
CA ASP A 84 1.78 13.38 7.79
C ASP A 84 0.92 14.54 7.29
N GLU A 85 0.23 14.33 6.17
CA GLU A 85 -0.48 15.41 5.51
C GLU A 85 -1.71 15.84 6.31
N ASN A 86 -2.54 14.88 6.68
CA ASN A 86 -3.65 15.08 7.60
C ASN A 86 -4.13 13.69 8.00
N PHE A 87 -5.02 13.66 8.99
CA PHE A 87 -5.62 12.42 9.46
C PHE A 87 -7.13 12.44 9.23
N THR A 88 -7.55 13.10 8.16
CA THR A 88 -8.98 13.26 7.89
C THR A 88 -9.68 11.90 7.70
N LEU A 89 -9.14 11.05 6.84
CA LEU A 89 -9.77 9.80 6.51
C LEU A 89 -9.40 8.74 7.54
N LYS A 90 -10.37 7.90 7.88
CA LYS A 90 -10.21 6.94 8.96
C LYS A 90 -10.10 5.52 8.40
N HIS A 91 -9.61 4.64 9.26
CA HIS A 91 -9.40 3.24 8.92
C HIS A 91 -10.73 2.52 9.19
N VAL A 92 -11.66 2.68 8.24
CA VAL A 92 -13.05 2.34 8.48
C VAL A 92 -13.36 0.87 8.26
N GLY A 93 -12.51 0.13 7.58
CA GLY A 93 -12.86 -1.22 7.22
C GLY A 93 -11.94 -1.80 6.17
N PRO A 94 -12.30 -2.98 5.68
CA PRO A 94 -11.51 -3.63 4.63
C PRO A 94 -11.36 -2.72 3.43
N GLY A 95 -10.18 -2.76 2.82
CA GLY A 95 -9.92 -2.05 1.58
C GLY A 95 -9.32 -0.68 1.76
N VAL A 96 -9.21 -0.18 2.98
CA VAL A 96 -8.56 1.10 3.22
C VAL A 96 -7.09 1.01 2.85
N LEU A 97 -6.62 2.03 2.14
CA LEU A 97 -5.22 2.19 1.74
C LEU A 97 -4.61 3.31 2.56
N SER A 98 -3.51 3.02 3.25
CA SER A 98 -2.96 3.93 4.24
C SER A 98 -1.43 3.83 4.24
N MET A 99 -0.78 4.87 4.76
CA MET A 99 0.68 4.92 4.78
C MET A 99 1.24 4.19 5.99
N ALA A 100 2.16 3.26 5.75
CA ALA A 100 2.94 2.73 6.84
C ALA A 100 3.88 3.81 7.34
N ASN A 101 4.34 3.70 8.58
CA ASN A 101 5.29 4.66 9.09
C ASN A 101 5.99 4.06 10.30
N ALA A 102 6.99 4.80 10.80
CA ALA A 102 7.75 4.43 11.98
C ALA A 102 7.61 5.51 13.04
N GLY A 103 6.42 6.08 13.16
CA GLY A 103 6.18 7.19 14.03
C GLY A 103 5.80 8.42 13.24
N PRO A 104 5.62 9.54 13.93
CA PRO A 104 5.13 10.74 13.25
C PRO A 104 6.08 11.21 12.15
N ASN A 105 5.49 11.64 11.04
CA ASN A 105 6.20 12.33 9.95
C ASN A 105 7.33 11.50 9.36
N THR A 106 7.05 10.22 9.14
CA THR A 106 8.04 9.32 8.59
C THR A 106 7.55 8.62 7.32
N ASN A 107 6.58 9.21 6.63
CA ASN A 107 6.08 8.61 5.40
C ASN A 107 7.17 8.57 4.34
N GLY A 108 7.24 7.47 3.62
CA GLY A 108 8.14 7.34 2.49
C GLY A 108 7.41 6.72 1.34
N SER A 109 7.56 5.42 1.18
CA SER A 109 6.83 4.67 0.19
C SER A 109 6.03 3.50 0.74
N GLN A 110 6.33 3.03 1.95
CA GLN A 110 5.62 1.87 2.47
C GLN A 110 4.16 2.21 2.73
N PHE A 111 3.29 1.24 2.46
CA PHE A 111 1.85 1.42 2.55
C PHE A 111 1.24 0.11 2.99
N PHE A 112 -0.06 0.16 3.31
CA PHE A 112 -0.77 -1.05 3.65
C PHE A 112 -2.21 -0.96 3.17
N ILE A 113 -2.78 -2.14 2.94
CA ILE A 113 -4.19 -2.30 2.62
C ILE A 113 -4.82 -3.08 3.78
N CYS A 114 -5.82 -2.48 4.42
CA CYS A 114 -6.45 -3.11 5.56
C CYS A 114 -7.38 -4.22 5.11
N THR A 115 -7.47 -5.27 5.93
CA THR A 115 -8.48 -6.30 5.74
C THR A 115 -9.54 -6.27 6.82
N ILE A 116 -9.39 -5.41 7.82
CA ILE A 116 -10.40 -5.15 8.83
C ILE A 116 -10.40 -3.66 9.12
N LYS A 117 -11.40 -3.21 9.89
CA LYS A 117 -11.37 -1.89 10.50
C LYS A 117 -10.23 -1.81 11.52
N THR A 118 -9.29 -0.91 11.30
CA THR A 118 -8.12 -0.77 12.19
C THR A 118 -8.15 0.61 12.85
N ASP A 119 -9.16 0.85 13.69
CA ASP A 119 -9.40 2.18 14.25
C ASP A 119 -8.26 2.66 15.13
N TRP A 120 -7.48 1.77 15.73
CA TRP A 120 -6.39 2.19 16.58
C TRP A 120 -5.28 2.87 15.79
N LEU A 121 -5.31 2.80 14.47
CA LEU A 121 -4.37 3.53 13.63
C LEU A 121 -4.85 4.92 13.26
N ASP A 122 -6.10 5.24 13.55
CA ASP A 122 -6.63 6.56 13.24
C ASP A 122 -5.83 7.62 13.97
N GLY A 123 -5.47 8.68 13.25
CA GLY A 123 -4.67 9.74 13.82
C GLY A 123 -3.19 9.43 13.88
N LYS A 124 -2.79 8.25 13.45
CA LYS A 124 -1.40 7.83 13.46
C LYS A 124 -0.87 7.50 12.08
N HIS A 125 -1.69 6.91 11.22
CA HIS A 125 -1.33 6.61 9.85
C HIS A 125 -2.25 7.37 8.93
N VAL A 126 -1.68 7.93 7.86
CA VAL A 126 -2.42 8.74 6.89
C VAL A 126 -3.12 7.82 5.89
N VAL A 127 -4.45 7.80 5.95
CA VAL A 127 -5.28 7.11 4.98
C VAL A 127 -5.39 7.97 3.73
N PHE A 128 -5.26 7.34 2.55
CA PHE A 128 -5.25 8.12 1.33
C PHE A 128 -5.94 7.44 0.16
N GLY A 129 -6.61 6.31 0.35
CA GLY A 129 -7.31 5.71 -0.76
C GLY A 129 -8.09 4.49 -0.32
N HIS A 130 -8.61 3.77 -1.31
CA HIS A 130 -9.38 2.57 -1.01
CA HIS A 130 -9.41 2.59 -1.03
C HIS A 130 -9.43 1.67 -2.23
N VAL A 131 -9.55 0.38 -1.98
CA VAL A 131 -9.71 -0.60 -3.04
C VAL A 131 -11.10 -0.44 -3.65
N ILE A 132 -11.16 -0.35 -4.98
CA ILE A 132 -12.43 -0.33 -5.69
C ILE A 132 -12.65 -1.57 -6.54
N GLU A 133 -11.63 -2.39 -6.74
CA GLU A 133 -11.72 -3.62 -7.51
C GLU A 133 -10.61 -4.51 -7.02
N GLY A 134 -10.87 -5.81 -6.90
CA GLY A 134 -9.82 -6.73 -6.52
C GLY A 134 -9.66 -6.97 -5.04
N MET A 135 -10.67 -6.70 -4.23
CA MET A 135 -10.56 -7.10 -2.85
C MET A 135 -10.35 -8.61 -2.72
N ASP A 136 -10.84 -9.41 -3.68
CA ASP A 136 -10.56 -10.84 -3.61
C ASP A 136 -9.07 -11.12 -3.76
N VAL A 137 -8.36 -10.28 -4.53
CA VAL A 137 -6.92 -10.43 -4.68
C VAL A 137 -6.23 -10.09 -3.38
N VAL A 138 -6.69 -9.03 -2.71
CA VAL A 138 -6.16 -8.68 -1.40
C VAL A 138 -6.36 -9.85 -0.43
N LYS A 139 -7.53 -10.49 -0.47
CA LYS A 139 -7.77 -11.63 0.41
CA LYS A 139 -7.77 -11.63 0.41
C LYS A 139 -6.86 -12.80 0.07
N LYS A 140 -6.52 -12.98 -1.22
CA LYS A 140 -5.54 -14.01 -1.57
C LYS A 140 -4.17 -13.68 -0.97
N ILE A 141 -3.75 -12.42 -1.09
CA ILE A 141 -2.49 -12.00 -0.46
C ILE A 141 -2.53 -12.32 1.03
N GLU A 142 -3.61 -11.91 1.69
CA GLU A 142 -3.77 -12.11 3.12
C GLU A 142 -3.60 -13.58 3.49
N SER A 143 -4.08 -14.48 2.64
CA SER A 143 -4.04 -15.91 2.92
C SER A 143 -2.62 -16.45 2.96
N PHE A 144 -1.65 -15.73 2.41
CA PHE A 144 -0.25 -16.12 2.46
C PHE A 144 0.50 -15.48 3.61
N GLY A 145 -0.20 -14.79 4.52
CA GLY A 145 0.42 -14.19 5.68
C GLY A 145 0.41 -15.10 6.89
N SER A 146 0.73 -14.50 8.04
CA SER A 146 0.84 -15.23 9.29
C SER A 146 0.75 -14.22 10.43
N LYS A 147 0.63 -14.73 11.66
CA LYS A 147 0.50 -13.84 12.81
C LYS A 147 1.70 -12.90 12.93
N SER A 148 2.89 -13.40 12.64
CA SER A 148 4.09 -12.58 12.71
C SER A 148 4.21 -11.64 11.53
N GLY A 149 3.48 -11.91 10.44
CA GLY A 149 3.58 -11.15 9.23
C GLY A 149 4.45 -11.77 8.18
N ARG A 150 5.22 -12.79 8.51
CA ARG A 150 6.02 -13.46 7.51
C ARG A 150 5.12 -14.17 6.50
N THR A 151 5.47 -14.06 5.22
CA THR A 151 4.66 -14.65 4.17
C THR A 151 5.16 -16.03 3.81
N SER A 152 4.25 -16.88 3.36
CA SER A 152 4.56 -18.25 3.01
C SER A 152 4.85 -18.44 1.53
N LYS A 153 4.67 -17.39 0.73
CA LYS A 153 5.10 -17.31 -0.65
C LYS A 153 5.62 -15.89 -0.85
N LYS A 154 6.47 -15.70 -1.85
CA LYS A 154 6.95 -14.37 -2.19
C LYS A 154 5.87 -13.64 -2.98
N ILE A 155 5.32 -12.59 -2.40
CA ILE A 155 4.20 -11.85 -2.97
C ILE A 155 4.78 -10.59 -3.61
N VAL A 156 4.71 -10.51 -4.94
CA VAL A 156 5.36 -9.47 -5.70
C VAL A 156 4.35 -8.64 -6.46
N ILE A 157 4.55 -7.33 -6.45
CA ILE A 157 3.85 -6.43 -7.35
C ILE A 157 4.52 -6.53 -8.70
N THR A 158 4.00 -7.42 -9.54
CA THR A 158 4.59 -7.72 -10.83
C THR A 158 4.56 -6.51 -11.74
N ASP A 159 3.47 -5.75 -11.68
CA ASP A 159 3.31 -4.56 -12.47
C ASP A 159 2.39 -3.62 -11.71
N CYS A 160 2.48 -2.34 -12.04
CA CYS A 160 1.69 -1.32 -11.39
C CYS A 160 1.69 -0.09 -12.27
N GLY A 161 0.72 0.78 -12.05
CA GLY A 161 0.64 1.98 -12.87
C GLY A 161 -0.65 2.70 -12.63
N GLN A 162 -0.94 3.64 -13.51
CA GLN A 162 -2.14 4.45 -13.45
C GLN A 162 -3.09 4.06 -14.57
N LEU A 163 -4.39 4.05 -14.27
CA LEU A 163 -5.43 3.78 -15.27
C LEU A 163 -6.06 5.10 -15.68
N SER A 164 -5.80 5.50 -16.91
CA SER A 164 -6.32 6.75 -17.46
C SER A 164 -7.01 6.51 -18.79
#